data_1ND7
#
_entry.id   1ND7
#
_cell.length_a   45.200
_cell.length_b   50.850
_cell.length_c   58.430
_cell.angle_alpha   113.47
_cell.angle_beta   99.21
_cell.angle_gamma   102.26
#
_symmetry.space_group_name_H-M   'P 1'
#
_entity_poly.entity_id   1
_entity_poly.type   'polypeptide(L)'
_entity_poly.pdbx_seq_one_letter_code
;HMGFRWKLAHFRYLCQSNALPSHVKINVSRQTLFEDSFQQIMALKPYDLRRRLYVIFRGEEGLDYGGLAREWFFLLSHEV
LNPMYCLFEYAGKNNYCLQINPASTINPDHLSYFCFIGRFIAMALFHGKFIDTGFSLPFYKRMLSKKLTIKDLESIDTEF
YNSLIWIRDNNIEECGLEMYFSVDMEILGKVTSHDLKLGGSNILVTEENKDEYIGLMTEWRFSRGVQEQTKAFLDGFNEV
VPLQWLQYFDEKELEVMLCGMQEVDLADWQRNTVYRHYTRNSKQIIWFWQFVKETDNEVRMRLLQFVTGTCRLPLGGFAE
LMGSNGPQKFCIEKVGKDTWLPRSHTCFNRLDLPPYKSYEQLKEKLLFAIEETE
;
_entity_poly.pdbx_strand_id   A
#
# COMPACT_ATOMS: atom_id res chain seq x y z
N HIS A 1 2.70 -7.41 -13.83
CA HIS A 1 1.63 -8.19 -14.52
C HIS A 1 1.97 -8.56 -15.97
N MET A 2 2.56 -7.63 -16.71
CA MET A 2 2.90 -7.88 -18.10
C MET A 2 4.30 -7.39 -18.43
N GLY A 3 4.39 -6.20 -19.03
CA GLY A 3 5.68 -5.64 -19.36
C GLY A 3 6.33 -5.01 -18.14
N PHE A 4 6.12 -5.63 -16.99
CA PHE A 4 6.70 -5.12 -15.75
C PHE A 4 8.23 -5.10 -15.82
N ARG A 5 8.80 -6.15 -16.42
CA ARG A 5 10.26 -6.28 -16.57
C ARG A 5 10.82 -5.09 -17.34
N TRP A 6 10.09 -4.67 -18.37
CA TRP A 6 10.51 -3.53 -19.18
C TRP A 6 10.43 -2.23 -18.39
N LYS A 7 9.33 -2.05 -17.67
CA LYS A 7 9.14 -0.85 -16.88
C LYS A 7 10.23 -0.76 -15.83
N LEU A 8 10.60 -1.89 -15.27
CA LEU A 8 11.64 -1.92 -14.25
C LEU A 8 13.00 -1.53 -14.82
N ALA A 9 13.38 -2.13 -15.95
CA ALA A 9 14.65 -1.81 -16.58
C ALA A 9 14.64 -0.33 -16.95
N HIS A 10 13.50 0.14 -17.44
CA HIS A 10 13.39 1.53 -17.82
C HIS A 10 13.66 2.42 -16.59
N PHE A 11 13.11 2.06 -15.44
CA PHE A 11 13.33 2.86 -14.24
C PHE A 11 14.79 2.82 -13.83
N ARG A 12 15.38 1.63 -13.84
CA ARG A 12 16.79 1.47 -13.50
C ARG A 12 17.66 2.40 -14.37
N TYR A 13 17.41 2.39 -15.68
CA TYR A 13 18.16 3.20 -16.63
C TYR A 13 17.96 4.66 -16.34
N LEU A 14 16.74 5.04 -15.99
CA LEU A 14 16.43 6.42 -15.66
C LEU A 14 17.28 6.87 -14.47
N CYS A 15 17.37 6.02 -13.46
CA CYS A 15 18.15 6.37 -12.27
C CYS A 15 19.64 6.44 -12.60
N GLN A 16 20.13 5.50 -13.40
CA GLN A 16 21.54 5.48 -13.79
C GLN A 16 21.94 6.73 -14.56
N SER A 17 21.14 7.14 -15.53
CA SER A 17 21.45 8.32 -16.30
C SER A 17 21.42 9.57 -15.42
N ASN A 18 20.60 9.56 -14.36
CA ASN A 18 20.52 10.72 -13.46
C ASN A 18 21.49 10.65 -12.27
N ALA A 19 22.29 9.58 -12.19
CA ALA A 19 23.25 9.45 -11.08
C ALA A 19 24.19 10.66 -11.04
N LEU A 20 24.51 11.12 -9.84
CA LEU A 20 25.39 12.28 -9.70
C LEU A 20 26.77 11.84 -9.19
N PRO A 21 27.84 12.50 -9.66
CA PRO A 21 29.21 12.19 -9.27
C PRO A 21 29.54 12.42 -7.80
N SER A 22 30.75 12.04 -7.43
CA SER A 22 31.22 12.19 -6.07
C SER A 22 30.36 11.31 -5.17
N HIS A 23 30.29 11.64 -3.87
CA HIS A 23 29.52 10.81 -2.96
C HIS A 23 29.02 11.52 -1.72
N VAL A 24 28.21 10.78 -0.95
CA VAL A 24 27.68 11.27 0.32
C VAL A 24 28.05 10.24 1.38
N LYS A 25 28.49 10.73 2.53
CA LYS A 25 28.88 9.87 3.64
C LYS A 25 27.83 9.91 4.74
N ILE A 26 27.52 8.76 5.32
CA ILE A 26 26.54 8.70 6.40
C ILE A 26 27.09 7.97 7.62
N ASN A 27 27.41 8.75 8.65
CA ASN A 27 27.95 8.21 9.89
C ASN A 27 26.89 8.13 10.98
N VAL A 28 26.45 6.91 11.28
CA VAL A 28 25.41 6.71 12.29
C VAL A 28 25.78 5.59 13.25
N SER A 29 25.29 5.68 14.48
CA SER A 29 25.56 4.66 15.48
C SER A 29 24.41 3.66 15.43
N ARG A 30 24.72 2.39 15.65
CA ARG A 30 23.71 1.34 15.60
C ARG A 30 22.49 1.61 16.47
N GLN A 31 22.60 2.53 17.43
CA GLN A 31 21.47 2.86 18.30
C GLN A 31 21.27 4.35 18.52
N THR A 32 21.24 5.07 17.42
CA THR A 32 21.05 6.51 17.38
C THR A 32 20.85 6.69 15.88
N LEU A 33 20.75 5.53 15.22
CA LEU A 33 20.57 5.40 13.78
C LEU A 33 19.54 6.35 13.19
N PHE A 34 18.33 6.30 13.74
CA PHE A 34 17.25 7.15 13.25
C PHE A 34 17.57 8.64 13.34
N GLU A 35 17.80 9.11 14.56
CA GLU A 35 18.11 10.52 14.79
C GLU A 35 19.30 11.08 14.00
N ASP A 36 20.41 10.36 13.96
CA ASP A 36 21.55 10.89 13.23
C ASP A 36 21.36 10.79 11.72
N SER A 37 20.65 9.77 11.25
CA SER A 37 20.39 9.64 9.81
C SER A 37 19.57 10.86 9.39
N PHE A 38 18.61 11.22 10.24
CA PHE A 38 17.74 12.36 9.99
C PHE A 38 18.55 13.65 9.86
N GLN A 39 19.40 13.90 10.85
CA GLN A 39 20.22 15.10 10.85
C GLN A 39 21.15 15.22 9.65
N GLN A 40 21.82 14.13 9.30
CA GLN A 40 22.75 14.16 8.18
C GLN A 40 22.07 14.25 6.82
N ILE A 41 21.00 13.49 6.63
CA ILE A 41 20.29 13.52 5.37
C ILE A 41 19.60 14.86 5.14
N MET A 42 18.98 15.43 6.17
CA MET A 42 18.30 16.70 6.01
C MET A 42 19.26 17.87 5.82
N ALA A 43 20.52 17.69 6.20
CA ALA A 43 21.52 18.74 6.04
C ALA A 43 22.11 18.72 4.63
N LEU A 44 21.80 17.67 3.88
CA LEU A 44 22.29 17.53 2.50
C LEU A 44 21.20 17.96 1.53
N LYS A 45 21.58 18.30 0.31
CA LYS A 45 20.59 18.67 -0.70
C LYS A 45 19.90 17.38 -1.11
N PRO A 46 18.62 17.46 -1.51
CA PRO A 46 17.93 16.23 -1.92
C PRO A 46 18.63 15.52 -3.09
N TYR A 47 19.19 16.29 -4.02
CA TYR A 47 19.85 15.63 -5.14
C TYR A 47 21.22 15.03 -4.76
N ASP A 48 21.67 15.31 -3.53
CA ASP A 48 22.94 14.75 -3.06
C ASP A 48 22.73 13.27 -2.84
N LEU A 49 21.48 12.90 -2.58
CA LEU A 49 21.15 11.51 -2.36
C LEU A 49 21.21 10.68 -3.65
N ARG A 50 21.46 11.34 -4.79
CA ARG A 50 21.61 10.62 -6.06
C ARG A 50 23.09 10.28 -6.33
N ARG A 51 23.97 10.66 -5.40
CA ARG A 51 25.42 10.40 -5.53
C ARG A 51 25.73 9.03 -4.91
N ARG A 52 26.98 8.58 -4.98
CA ARG A 52 27.27 7.29 -4.37
C ARG A 52 27.17 7.42 -2.87
N LEU A 53 26.70 6.34 -2.23
CA LEU A 53 26.49 6.32 -0.79
C LEU A 53 27.54 5.52 -0.02
N TYR A 54 28.10 6.15 1.01
CA TYR A 54 29.08 5.50 1.88
C TYR A 54 28.55 5.50 3.32
N VAL A 55 27.86 4.43 3.70
CA VAL A 55 27.35 4.34 5.06
C VAL A 55 28.35 3.64 5.98
N ILE A 56 28.89 4.40 6.92
CA ILE A 56 29.83 3.84 7.87
C ILE A 56 29.25 3.95 9.27
N PHE A 57 28.80 2.80 9.78
CA PHE A 57 28.24 2.71 11.10
C PHE A 57 29.41 2.89 12.02
N ARG A 58 29.31 3.80 12.91
CA ARG A 58 30.47 4.09 13.73
C ARG A 58 30.42 3.23 15.00
N GLY A 59 29.66 2.13 14.83
CA GLY A 59 29.58 1.00 15.80
C GLY A 59 30.75 0.22 15.36
N GLU A 60 31.48 1.27 14.92
CA GLU A 60 32.70 1.43 14.11
C GLU A 60 33.31 0.07 13.72
N GLU A 61 32.46 -0.65 12.95
CA GLU A 61 32.65 -2.10 12.52
C GLU A 61 33.55 -2.40 11.26
N GLY A 62 32.93 -3.17 10.32
CA GLY A 62 33.56 -3.76 9.07
C GLY A 62 34.35 -2.76 8.19
N LEU A 63 34.70 -3.29 7.01
CA LEU A 63 35.47 -2.57 5.97
C LEU A 63 34.58 -2.19 4.81
N ASP A 64 34.17 -3.15 3.98
CA ASP A 64 33.34 -2.66 2.90
C ASP A 64 32.36 -3.54 2.11
N TYR A 65 31.16 -2.88 2.01
CA TYR A 65 30.15 -3.22 1.02
C TYR A 65 28.68 -3.00 1.12
N GLY A 66 28.24 -2.19 0.16
CA GLY A 66 26.87 -1.86 -0.07
C GLY A 66 26.03 -2.94 0.62
N GLY A 67 26.63 -3.67 1.56
CA GLY A 67 25.87 -4.69 2.36
C GLY A 67 25.33 -3.97 3.61
N LEU A 68 25.93 -2.84 3.75
CA LEU A 68 25.75 -1.85 4.79
C LEU A 68 24.79 -0.84 4.32
N ALA A 69 24.65 -0.83 3.03
CA ALA A 69 23.70 0.04 2.47
C ALA A 69 22.41 -0.71 2.66
N ARG A 70 22.47 -1.97 2.27
CA ARG A 70 21.34 -2.86 2.34
C ARG A 70 20.89 -3.02 3.79
N GLU A 71 21.84 -3.09 4.70
CA GLU A 71 21.54 -3.22 6.11
C GLU A 71 20.93 -1.92 6.62
N TRP A 72 21.55 -0.81 6.23
CA TRP A 72 21.07 0.51 6.62
C TRP A 72 19.62 0.69 6.20
N PHE A 73 19.35 0.59 4.89
CA PHE A 73 17.99 0.74 4.40
C PHE A 73 17.06 -0.22 5.15
N PHE A 74 17.58 -1.41 5.45
CA PHE A 74 16.82 -2.41 6.19
C PHE A 74 16.55 -1.90 7.61
N LEU A 75 17.61 -1.69 8.38
CA LEU A 75 17.51 -1.19 9.75
C LEU A 75 16.66 0.08 9.86
N LEU A 76 17.17 1.18 9.31
CA LEU A 76 16.46 2.46 9.33
C LEU A 76 15.01 2.28 8.90
N SER A 77 14.78 1.35 7.98
CA SER A 77 13.43 1.07 7.49
C SER A 77 12.53 0.63 8.64
N HIS A 78 13.09 -0.14 9.57
CA HIS A 78 12.33 -0.60 10.71
C HIS A 78 12.22 0.45 11.80
N GLU A 79 13.22 1.32 11.87
CA GLU A 79 13.20 2.39 12.87
C GLU A 79 12.19 3.46 12.49
N VAL A 80 12.29 3.98 11.27
CA VAL A 80 11.36 4.99 10.79
C VAL A 80 9.93 4.45 10.82
N LEU A 81 9.78 3.21 10.37
CA LEU A 81 8.48 2.54 10.31
C LEU A 81 7.97 2.07 11.67
N ASN A 82 8.84 2.10 12.68
CA ASN A 82 8.44 1.65 14.00
C ASN A 82 7.53 2.69 14.65
N PRO A 83 6.31 2.27 15.03
CA PRO A 83 5.32 3.14 15.66
C PRO A 83 5.75 3.74 17.00
N MET A 84 6.93 3.37 17.48
CA MET A 84 7.43 3.92 18.74
C MET A 84 7.83 5.37 18.56
N TYR A 85 7.92 5.83 17.31
CA TYR A 85 8.29 7.21 17.03
C TYR A 85 7.09 8.12 16.78
N CYS A 86 5.89 7.53 16.80
CA CYS A 86 4.64 8.29 16.60
C CYS A 86 4.37 8.87 15.22
N LEU A 87 5.15 8.47 14.23
CA LEU A 87 4.95 8.98 12.88
C LEU A 87 3.99 8.04 12.16
N PHE A 88 4.20 6.75 12.34
CA PHE A 88 3.34 5.74 11.74
C PHE A 88 2.69 4.92 12.86
N GLU A 89 1.66 4.17 12.48
CA GLU A 89 0.93 3.32 13.41
C GLU A 89 0.56 2.05 12.66
N TYR A 90 -0.13 1.14 13.33
CA TYR A 90 -0.54 -0.11 12.70
C TYR A 90 -1.99 -0.06 12.20
N ALA A 91 -2.23 -0.82 11.15
CA ALA A 91 -3.54 -0.88 10.47
C ALA A 91 -4.60 -1.58 11.36
N GLY A 92 -5.09 -2.68 10.80
CA GLY A 92 -6.12 -3.56 11.38
C GLY A 92 -5.50 -4.40 12.47
N LYS A 93 -5.00 -3.61 13.38
CA LYS A 93 -4.42 -4.06 14.58
C LYS A 93 -3.08 -4.62 14.45
N ASN A 94 -3.07 -5.27 15.52
CA ASN A 94 -2.21 -6.24 15.80
C ASN A 94 -1.94 -6.86 14.47
N ASN A 95 -1.65 -6.09 13.51
CA ASN A 95 -1.11 -6.73 12.37
C ASN A 95 0.15 -6.02 12.03
N TYR A 96 0.16 -5.56 10.71
CA TYR A 96 1.40 -4.98 10.24
C TYR A 96 1.74 -4.00 9.15
N CYS A 97 0.91 -3.45 8.27
CA CYS A 97 1.68 -2.56 7.49
C CYS A 97 1.27 -1.20 8.02
N LEU A 98 1.74 -0.12 7.47
CA LEU A 98 1.46 0.91 8.32
C LEU A 98 0.79 2.10 7.94
N GLN A 99 0.34 2.81 8.91
CA GLN A 99 -0.37 3.94 8.43
C GLN A 99 0.16 5.17 9.04
N ILE A 100 0.06 6.30 8.31
CA ILE A 100 0.50 7.62 8.83
C ILE A 100 -0.41 7.89 10.02
N ASN A 101 0.23 8.11 11.16
CA ASN A 101 -0.50 8.33 12.40
C ASN A 101 -1.03 9.75 12.46
N PRO A 102 -2.36 9.92 12.54
CA PRO A 102 -2.98 11.24 12.59
C PRO A 102 -2.46 12.07 13.76
N ALA A 103 -2.05 11.38 14.83
CA ALA A 103 -1.54 12.02 16.04
C ALA A 103 -0.04 12.36 16.00
N SER A 104 0.57 12.23 14.82
CA SER A 104 1.99 12.55 14.68
C SER A 104 2.17 14.02 15.03
N THR A 105 1.06 14.77 14.97
CA THR A 105 1.07 16.18 15.27
C THR A 105 1.63 16.46 16.66
N ILE A 106 1.66 15.45 17.52
CA ILE A 106 2.22 15.65 18.87
C ILE A 106 3.62 16.22 18.68
N ASN A 107 4.44 15.56 17.87
CA ASN A 107 5.78 16.03 17.58
C ASN A 107 5.61 17.24 16.66
N PRO A 108 5.93 18.45 17.15
CA PRO A 108 5.81 19.69 16.37
C PRO A 108 6.67 19.77 15.12
N ASP A 109 7.56 18.80 14.93
CA ASP A 109 8.41 18.80 13.75
C ASP A 109 8.13 17.58 12.89
N HIS A 110 6.99 16.93 13.13
CA HIS A 110 6.66 15.74 12.36
C HIS A 110 6.78 15.95 10.85
N LEU A 111 6.48 17.16 10.37
CA LEU A 111 6.56 17.41 8.93
C LEU A 111 7.99 17.35 8.41
N SER A 112 8.96 17.72 9.25
CA SER A 112 10.37 17.66 8.88
C SER A 112 10.75 16.19 8.74
N TYR A 113 10.26 15.38 9.67
CA TYR A 113 10.51 13.93 9.65
C TYR A 113 9.81 13.25 8.47
N PHE A 114 8.61 13.69 8.11
CA PHE A 114 7.93 13.05 6.98
C PHE A 114 8.66 13.34 5.69
N CYS A 115 9.22 14.55 5.58
CA CYS A 115 10.01 14.95 4.43
C CYS A 115 11.21 13.98 4.39
N PHE A 116 11.85 13.80 5.54
CA PHE A 116 12.99 12.90 5.64
C PHE A 116 12.69 11.48 5.18
N ILE A 117 11.57 10.94 5.63
CA ILE A 117 11.16 9.59 5.28
C ILE A 117 10.91 9.48 3.77
N GLY A 118 10.32 10.53 3.20
CA GLY A 118 10.08 10.53 1.78
C GLY A 118 11.40 10.54 1.01
N ARG A 119 12.36 11.32 1.49
CA ARG A 119 13.67 11.37 0.81
C ARG A 119 14.33 10.01 0.89
N PHE A 120 14.22 9.40 2.05
CA PHE A 120 14.81 8.09 2.32
C PHE A 120 14.21 6.96 1.50
N ILE A 121 12.90 6.96 1.29
CA ILE A 121 12.30 5.90 0.50
C ILE A 121 12.59 6.10 -0.99
N ALA A 122 12.70 7.35 -1.42
CA ALA A 122 13.03 7.65 -2.81
C ALA A 122 14.50 7.25 -3.02
N MET A 123 15.33 7.43 -1.99
CA MET A 123 16.75 7.09 -2.07
C MET A 123 16.91 5.58 -2.24
N ALA A 124 16.12 4.81 -1.48
CA ALA A 124 16.17 3.35 -1.56
C ALA A 124 15.82 2.90 -2.98
N LEU A 125 14.80 3.52 -3.56
CA LEU A 125 14.36 3.22 -4.91
C LEU A 125 15.41 3.62 -5.94
N PHE A 126 15.99 4.80 -5.77
CA PHE A 126 16.98 5.30 -6.70
C PHE A 126 18.18 4.35 -6.80
N HIS A 127 18.56 3.77 -5.66
CA HIS A 127 19.69 2.82 -5.58
C HIS A 127 19.24 1.36 -5.66
N GLY A 128 17.99 1.13 -6.05
CA GLY A 128 17.50 -0.23 -6.17
C GLY A 128 17.68 -1.05 -4.92
N LYS A 129 17.43 -0.44 -3.76
CA LYS A 129 17.53 -1.10 -2.46
C LYS A 129 16.13 -1.44 -1.95
N PHE A 130 15.96 -2.62 -1.38
CA PHE A 130 14.65 -3.01 -0.87
C PHE A 130 14.46 -2.62 0.59
N ILE A 131 13.22 -2.38 0.99
CA ILE A 131 12.91 -2.00 2.37
C ILE A 131 11.71 -2.79 2.87
N ASP A 132 11.69 -3.10 4.17
CA ASP A 132 10.55 -3.82 4.74
C ASP A 132 9.43 -2.83 5.07
N THR A 133 8.95 -2.14 4.05
CA THR A 133 7.88 -1.15 4.23
C THR A 133 6.52 -1.84 4.32
N GLY A 134 5.57 -1.16 4.93
CA GLY A 134 4.25 -1.73 5.05
C GLY A 134 3.16 -0.85 4.45
N PHE A 135 3.55 0.04 3.55
CA PHE A 135 2.58 0.92 2.92
C PHE A 135 1.51 0.11 2.18
N SER A 136 0.28 0.61 2.22
CA SER A 136 -0.84 -0.07 1.58
C SER A 136 -0.89 0.30 0.11
N LEU A 137 -1.64 -0.47 -0.67
CA LEU A 137 -1.78 -0.19 -2.09
C LEU A 137 -2.38 1.20 -2.33
N PRO A 138 -3.38 1.62 -1.53
CA PRO A 138 -3.96 2.95 -1.74
C PRO A 138 -2.97 4.10 -1.50
N PHE A 139 -2.05 3.91 -0.55
CA PHE A 139 -1.03 4.91 -0.29
C PHE A 139 -0.18 5.00 -1.57
N TYR A 140 0.14 3.87 -2.15
CA TYR A 140 0.91 3.82 -3.39
C TYR A 140 0.12 4.49 -4.52
N LYS A 141 -1.20 4.33 -4.50
CA LYS A 141 -2.06 4.95 -5.51
C LYS A 141 -1.89 6.46 -5.40
N ARG A 142 -1.85 6.96 -4.16
CA ARG A 142 -1.70 8.38 -3.92
C ARG A 142 -0.37 8.89 -4.48
N MET A 143 0.70 8.11 -4.29
CA MET A 143 2.03 8.46 -4.78
C MET A 143 2.02 8.58 -6.30
N LEU A 144 1.19 7.76 -6.95
CA LEU A 144 1.11 7.75 -8.40
C LEU A 144 0.01 8.65 -8.93
N SER A 145 -0.66 9.34 -8.03
CA SER A 145 -1.75 10.25 -8.41
C SER A 145 -2.88 9.49 -9.12
N LYS A 146 -3.23 8.32 -8.58
CA LYS A 146 -4.31 7.52 -9.14
C LYS A 146 -5.49 7.68 -8.18
N LYS A 147 -6.67 7.99 -8.72
CA LYS A 147 -7.85 8.20 -7.90
C LYS A 147 -8.25 6.95 -7.12
N LEU A 148 -8.64 7.16 -5.86
CA LEU A 148 -9.04 6.05 -5.01
C LEU A 148 -10.45 5.62 -5.35
N THR A 149 -10.70 4.32 -5.28
CA THR A 149 -12.03 3.78 -5.59
C THR A 149 -12.74 3.39 -4.31
N ILE A 150 -14.03 3.06 -4.43
CA ILE A 150 -14.81 2.67 -3.28
C ILE A 150 -14.29 1.31 -2.77
N LYS A 151 -13.66 0.56 -3.65
CA LYS A 151 -13.10 -0.75 -3.27
C LYS A 151 -11.93 -0.50 -2.31
N ASP A 152 -11.11 0.50 -2.63
CA ASP A 152 -9.99 0.86 -1.78
C ASP A 152 -10.50 1.12 -0.36
N LEU A 153 -11.69 1.70 -0.27
CA LEU A 153 -12.30 1.97 1.03
C LEU A 153 -12.51 0.69 1.83
N GLU A 154 -13.03 -0.33 1.16
CA GLU A 154 -13.32 -1.61 1.77
C GLU A 154 -12.17 -2.13 2.63
N SER A 155 -10.94 -1.83 2.21
CA SER A 155 -9.75 -2.29 2.93
C SER A 155 -9.26 -1.35 4.03
N ILE A 156 -9.97 -0.25 4.26
CA ILE A 156 -9.57 0.73 5.27
C ILE A 156 -10.63 0.97 6.34
N ASP A 157 -11.90 1.01 5.92
CA ASP A 157 -12.99 1.26 6.85
C ASP A 157 -14.24 0.54 6.35
N THR A 158 -14.40 -0.71 6.78
CA THR A 158 -15.54 -1.51 6.35
C THR A 158 -16.86 -0.84 6.70
N GLU A 159 -16.89 -0.13 7.82
CA GLU A 159 -18.10 0.56 8.27
C GLU A 159 -18.45 1.75 7.36
N PHE A 160 -17.43 2.55 7.06
CA PHE A 160 -17.58 3.72 6.19
C PHE A 160 -17.96 3.23 4.80
N TYR A 161 -17.26 2.19 4.35
CA TYR A 161 -17.49 1.58 3.06
C TYR A 161 -18.94 1.10 2.90
N ASN A 162 -19.46 0.45 3.94
CA ASN A 162 -20.83 -0.06 3.88
C ASN A 162 -21.86 1.05 3.72
N SER A 163 -21.63 2.19 4.36
CA SER A 163 -22.55 3.32 4.28
C SER A 163 -22.51 3.99 2.92
N LEU A 164 -21.33 4.11 2.32
CA LEU A 164 -21.20 4.73 1.01
C LEU A 164 -21.74 3.81 -0.07
N ILE A 165 -21.59 2.51 0.15
CA ILE A 165 -22.08 1.52 -0.80
C ILE A 165 -23.59 1.64 -0.87
N TRP A 166 -24.23 1.66 0.30
CA TRP A 166 -25.67 1.79 0.36
C TRP A 166 -26.13 3.05 -0.36
N ILE A 167 -25.49 4.17 -0.06
CA ILE A 167 -25.85 5.43 -0.69
C ILE A 167 -25.74 5.33 -2.21
N ARG A 168 -24.73 4.61 -2.68
CA ARG A 168 -24.53 4.45 -4.11
C ARG A 168 -25.70 3.68 -4.73
N ASP A 169 -25.51 2.38 -4.93
CA ASP A 169 -26.55 1.54 -5.51
C ASP A 169 -27.75 1.40 -4.57
N ASN A 170 -28.54 2.48 -4.49
CA ASN A 170 -29.73 2.54 -3.66
C ASN A 170 -30.22 3.99 -3.62
N ASN A 171 -31.54 4.17 -3.68
CA ASN A 171 -32.13 5.50 -3.59
C ASN A 171 -32.41 5.89 -2.18
N ILE A 172 -31.88 7.11 -1.81
CA ILE A 172 -32.13 7.63 -0.52
C ILE A 172 -33.48 7.50 0.31
N GLU A 173 -33.60 6.37 1.08
CA GLU A 173 -34.65 6.05 1.99
C GLU A 173 -35.01 4.66 2.43
N GLU A 174 -35.63 4.96 3.58
CA GLU A 174 -36.19 4.20 4.70
C GLU A 174 -34.97 4.13 5.66
N CYS A 175 -33.85 4.60 5.08
CA CYS A 175 -32.56 4.82 5.78
C CYS A 175 -31.79 6.02 5.22
N GLY A 176 -32.39 7.17 5.08
CA GLY A 176 -31.57 8.23 4.51
C GLY A 176 -32.23 9.55 4.25
N LEU A 177 -31.42 10.56 4.52
CA LEU A 177 -31.91 11.87 4.42
C LEU A 177 -31.03 12.99 4.11
N GLU A 178 -30.96 13.84 5.11
CA GLU A 178 -30.16 14.96 4.81
C GLU A 178 -28.72 14.83 5.19
N MET A 179 -27.89 14.89 4.16
CA MET A 179 -26.44 14.84 4.30
C MET A 179 -25.89 15.97 3.44
N TYR A 180 -24.84 16.63 3.89
CA TYR A 180 -24.26 17.72 3.11
C TYR A 180 -22.82 17.43 2.70
N PHE A 181 -22.27 18.28 1.85
CA PHE A 181 -20.89 18.10 1.38
C PHE A 181 -19.92 18.70 2.39
N SER A 182 -19.96 18.18 3.60
CA SER A 182 -19.08 18.62 4.68
C SER A 182 -19.00 17.48 5.70
N VAL A 183 -17.97 17.53 6.54
CA VAL A 183 -17.76 16.51 7.54
C VAL A 183 -17.26 17.26 8.69
N ASP A 184 -17.94 16.87 9.65
CA ASP A 184 -17.92 17.41 10.92
C ASP A 184 -17.08 16.33 11.79
N MET A 185 -15.75 16.42 11.32
CA MET A 185 -14.29 15.80 11.55
C MET A 185 -13.86 14.79 12.78
N GLU A 186 -12.72 15.13 13.59
CA GLU A 186 -12.19 14.34 14.89
C GLU A 186 -10.91 15.03 15.67
N ILE A 187 -10.28 14.36 16.67
CA ILE A 187 -9.16 14.89 17.62
C ILE A 187 -8.88 16.39 17.82
N LEU A 188 -9.68 16.99 18.69
CA LEU A 188 -9.62 18.42 18.98
C LEU A 188 -10.93 18.78 19.67
N GLY A 189 -10.87 19.61 20.72
CA GLY A 189 -12.05 20.02 21.43
C GLY A 189 -12.66 21.29 20.89
N LYS A 190 -13.46 21.16 19.84
CA LYS A 190 -14.13 22.29 19.20
C LYS A 190 -15.57 22.05 18.67
N VAL A 191 -15.96 20.81 18.35
CA VAL A 191 -17.27 20.55 17.72
C VAL A 191 -17.43 21.50 16.42
N THR A 192 -16.46 21.47 15.45
CA THR A 192 -16.35 22.24 14.12
C THR A 192 -16.78 21.48 12.82
N SER A 193 -16.58 22.06 11.61
CA SER A 193 -16.99 21.41 10.34
C SER A 193 -16.02 21.58 9.15
N HIS A 194 -15.84 20.57 8.30
CA HIS A 194 -14.92 20.65 7.15
C HIS A 194 -15.65 20.47 5.81
N ASP A 195 -15.51 21.44 4.92
CA ASP A 195 -16.17 21.36 3.62
C ASP A 195 -15.45 20.47 2.63
N LEU A 196 -16.18 19.58 1.98
CA LEU A 196 -15.59 18.68 1.00
C LEU A 196 -15.33 19.44 -0.29
N LYS A 197 -15.94 20.62 -0.40
CA LYS A 197 -15.80 21.48 -1.58
C LYS A 197 -16.32 22.87 -1.22
N LEU A 198 -16.12 23.82 -2.11
CA LEU A 198 -16.55 25.21 -1.91
C LEU A 198 -18.00 25.31 -1.44
N GLY A 199 -18.19 25.90 -0.27
CA GLY A 199 -19.52 26.08 0.31
C GLY A 199 -20.25 24.77 0.52
N GLY A 200 -19.48 23.69 0.66
CA GLY A 200 -20.04 22.36 0.84
C GLY A 200 -20.99 22.14 1.99
N SER A 201 -20.77 22.82 3.11
CA SER A 201 -21.63 22.66 4.27
C SER A 201 -23.06 23.14 4.00
N ASN A 202 -23.27 23.74 2.82
CA ASN A 202 -24.59 24.24 2.44
C ASN A 202 -25.17 23.45 1.28
N ILE A 203 -24.37 22.58 0.69
CA ILE A 203 -24.82 21.77 -0.44
C ILE A 203 -25.37 20.43 0.01
N LEU A 204 -26.69 20.30 -0.10
CA LEU A 204 -27.39 19.08 0.29
C LEU A 204 -27.08 17.94 -0.70
N VAL A 205 -26.96 16.72 -0.18
CA VAL A 205 -26.66 15.54 -1.00
C VAL A 205 -27.97 14.98 -1.57
N THR A 206 -28.04 14.89 -2.89
CA THR A 206 -29.21 14.39 -3.57
C THR A 206 -28.93 13.15 -4.40
N GLU A 207 -29.98 12.65 -5.02
CA GLU A 207 -29.93 11.48 -5.87
C GLU A 207 -29.43 11.82 -7.30
N GLU A 208 -28.49 12.78 -7.42
CA GLU A 208 -27.88 13.25 -8.70
C GLU A 208 -26.37 13.62 -8.55
N ASN A 209 -26.08 14.19 -7.39
CA ASN A 209 -24.78 14.63 -6.86
C ASN A 209 -24.13 13.46 -6.14
N LYS A 210 -24.92 12.77 -5.34
CA LYS A 210 -24.40 11.69 -4.51
C LYS A 210 -23.17 10.95 -5.02
N ASP A 211 -22.96 10.97 -6.34
CA ASP A 211 -21.81 10.29 -6.90
C ASP A 211 -20.52 11.07 -6.65
N GLU A 212 -20.62 12.39 -6.69
CA GLU A 212 -19.47 13.23 -6.43
C GLU A 212 -19.23 13.18 -4.93
N TYR A 213 -20.32 13.18 -4.17
CA TYR A 213 -20.26 13.11 -2.71
C TYR A 213 -19.45 11.88 -2.33
N ILE A 214 -19.84 10.74 -2.89
CA ILE A 214 -19.16 9.48 -2.64
C ILE A 214 -17.68 9.62 -2.98
N GLY A 215 -17.39 10.21 -4.13
CA GLY A 215 -16.01 10.39 -4.53
C GLY A 215 -15.24 11.19 -3.49
N LEU A 216 -15.81 12.34 -3.11
CA LEU A 216 -15.20 13.22 -2.14
C LEU A 216 -15.10 12.62 -0.74
N MET A 217 -16.10 11.83 -0.35
CA MET A 217 -16.06 11.23 0.98
C MET A 217 -14.98 10.14 1.04
N THR A 218 -14.75 9.46 -0.07
CA THR A 218 -13.73 8.42 -0.10
C THR A 218 -12.34 9.02 0.08
N GLU A 219 -12.01 10.02 -0.72
CA GLU A 219 -10.71 10.68 -0.62
C GLU A 219 -10.50 11.30 0.76
N TRP A 220 -11.57 11.82 1.34
CA TRP A 220 -11.47 12.44 2.65
C TRP A 220 -11.19 11.40 3.72
N ARG A 221 -11.74 10.21 3.55
CA ARG A 221 -11.55 9.15 4.52
C ARG A 221 -10.10 8.69 4.54
N PHE A 222 -9.46 8.69 3.37
CA PHE A 222 -8.08 8.26 3.30
C PHE A 222 -7.08 9.29 3.84
N SER A 223 -7.29 10.55 3.51
CA SER A 223 -6.39 11.60 3.94
C SER A 223 -6.80 12.37 5.20
N ARG A 224 -7.86 11.93 5.88
CA ARG A 224 -8.30 12.65 7.07
C ARG A 224 -7.28 12.59 8.20
N GLY A 225 -6.90 13.76 8.69
CA GLY A 225 -5.93 13.83 9.76
C GLY A 225 -4.49 13.65 9.30
N VAL A 226 -4.29 13.32 8.03
CA VAL A 226 -2.93 13.11 7.53
C VAL A 226 -2.56 13.84 6.25
N GLN A 227 -3.33 14.86 5.88
CA GLN A 227 -3.02 15.61 4.66
C GLN A 227 -1.63 16.27 4.67
N GLU A 228 -1.33 17.01 5.72
CA GLU A 228 -0.04 17.68 5.84
C GLU A 228 1.11 16.69 5.75
N GLN A 229 1.02 15.64 6.57
CA GLN A 229 2.02 14.58 6.62
C GLN A 229 2.25 13.99 5.25
N THR A 230 1.16 13.62 4.58
CA THR A 230 1.24 13.03 3.25
C THR A 230 1.93 13.96 2.26
N LYS A 231 1.53 15.22 2.24
CA LYS A 231 2.13 16.19 1.35
C LYS A 231 3.64 16.33 1.61
N ALA A 232 3.99 16.40 2.89
CA ALA A 232 5.38 16.55 3.31
C ALA A 232 6.18 15.35 2.82
N PHE A 233 5.58 14.17 2.92
CA PHE A 233 6.23 12.94 2.49
C PHE A 233 6.46 12.92 0.97
N LEU A 234 5.42 13.31 0.22
CA LEU A 234 5.51 13.31 -1.25
C LEU A 234 6.47 14.37 -1.77
N ASP A 235 6.48 15.52 -1.12
CA ASP A 235 7.39 16.58 -1.55
C ASP A 235 8.84 16.10 -1.35
N GLY A 236 9.12 15.49 -0.21
CA GLY A 236 10.47 15.00 0.06
C GLY A 236 10.89 13.92 -0.93
N PHE A 237 10.00 12.96 -1.16
CA PHE A 237 10.26 11.88 -2.08
C PHE A 237 10.51 12.46 -3.48
N ASN A 238 9.67 13.41 -3.87
CA ASN A 238 9.74 14.04 -5.19
C ASN A 238 11.04 14.78 -5.49
N GLU A 239 11.66 15.37 -4.47
CA GLU A 239 12.92 16.08 -4.67
C GLU A 239 14.05 15.12 -5.02
N VAL A 240 13.97 13.88 -4.52
CA VAL A 240 14.98 12.85 -4.78
C VAL A 240 14.66 12.05 -6.05
N VAL A 241 13.43 11.55 -6.13
CA VAL A 241 12.97 10.81 -7.31
C VAL A 241 11.67 11.49 -7.76
N PRO A 242 11.71 12.20 -8.89
CA PRO A 242 10.49 12.87 -9.36
C PRO A 242 9.35 11.87 -9.50
N LEU A 243 8.21 12.18 -8.89
CA LEU A 243 7.09 11.26 -8.97
C LEU A 243 6.76 10.86 -10.41
N GLN A 244 7.11 11.72 -11.36
CA GLN A 244 6.84 11.44 -12.76
C GLN A 244 7.59 10.23 -13.29
N TRP A 245 8.73 9.90 -12.67
CA TRP A 245 9.50 8.74 -13.10
C TRP A 245 8.75 7.44 -12.83
N LEU A 246 7.72 7.53 -12.01
CA LEU A 246 6.91 6.36 -11.65
C LEU A 246 5.61 6.21 -12.42
N GLN A 247 5.29 7.20 -13.26
CA GLN A 247 4.02 7.20 -14.00
C GLN A 247 3.61 5.93 -14.77
N TYR A 248 4.57 5.10 -15.17
CA TYR A 248 4.22 3.88 -15.89
C TYR A 248 3.91 2.68 -15.00
N PHE A 249 4.08 2.84 -13.70
CA PHE A 249 3.81 1.74 -12.78
C PHE A 249 2.43 1.83 -12.16
N ASP A 250 1.85 0.68 -11.82
CA ASP A 250 0.58 0.70 -11.11
C ASP A 250 0.99 0.47 -9.66
N GLU A 251 0.07 0.67 -8.73
CA GLU A 251 0.37 0.52 -7.30
C GLU A 251 0.94 -0.82 -6.86
N LYS A 252 0.53 -1.90 -7.51
CA LYS A 252 1.01 -3.24 -7.18
C LYS A 252 2.45 -3.43 -7.62
N GLU A 253 2.81 -2.82 -8.74
CA GLU A 253 4.16 -2.88 -9.25
C GLU A 253 5.06 -2.04 -8.34
N LEU A 254 4.56 -0.87 -7.94
CA LEU A 254 5.33 0.02 -7.05
C LEU A 254 5.67 -0.69 -5.74
N GLU A 255 4.70 -1.39 -5.17
CA GLU A 255 4.94 -2.12 -3.92
C GLU A 255 6.08 -3.11 -4.10
N VAL A 256 6.05 -3.87 -5.19
CA VAL A 256 7.07 -4.88 -5.45
C VAL A 256 8.45 -4.28 -5.69
N MET A 257 8.49 -3.09 -6.30
CA MET A 257 9.77 -2.42 -6.54
C MET A 257 10.44 -2.06 -5.22
N LEU A 258 9.64 -1.72 -4.20
CA LEU A 258 10.19 -1.34 -2.90
C LEU A 258 10.54 -2.51 -1.97
N CYS A 259 9.73 -3.55 -1.97
CA CYS A 259 9.99 -4.70 -1.09
C CYS A 259 10.77 -5.84 -1.77
N GLY A 260 10.65 -5.92 -3.10
CA GLY A 260 11.34 -6.98 -3.82
C GLY A 260 10.48 -8.21 -4.04
N MET A 261 10.78 -8.92 -5.11
CA MET A 261 10.06 -10.14 -5.47
C MET A 261 10.50 -11.29 -4.58
N GLN A 262 9.54 -12.09 -4.11
CA GLN A 262 9.84 -13.23 -3.26
C GLN A 262 9.12 -14.48 -3.79
N GLU A 263 9.68 -15.66 -3.51
CA GLU A 263 9.08 -16.92 -3.95
C GLU A 263 7.95 -17.34 -3.03
N VAL A 264 6.86 -17.82 -3.63
CA VAL A 264 5.71 -18.26 -2.84
C VAL A 264 5.72 -19.77 -2.62
N ASP A 265 5.56 -20.18 -1.37
CA ASP A 265 5.52 -21.58 -1.01
C ASP A 265 4.08 -22.07 -1.29
N LEU A 266 3.92 -22.85 -2.36
CA LEU A 266 2.62 -23.36 -2.76
C LEU A 266 1.99 -24.35 -1.78
N ALA A 267 2.81 -25.18 -1.15
CA ALA A 267 2.29 -26.15 -0.19
C ALA A 267 1.80 -25.44 1.06
N ASP A 268 2.51 -24.39 1.47
CA ASP A 268 2.13 -23.64 2.66
C ASP A 268 0.81 -22.94 2.38
N TRP A 269 0.72 -22.37 1.17
CA TRP A 269 -0.45 -21.65 0.70
C TRP A 269 -1.67 -22.57 0.68
N GLN A 270 -1.54 -23.71 0.00
CA GLN A 270 -2.64 -24.64 -0.12
C GLN A 270 -3.14 -25.23 1.21
N ARG A 271 -2.24 -25.69 2.07
CA ARG A 271 -2.68 -26.26 3.34
C ARG A 271 -3.27 -25.23 4.30
N ASN A 272 -3.06 -23.94 4.02
CA ASN A 272 -3.61 -22.90 4.88
C ASN A 272 -4.69 -22.03 4.22
N THR A 273 -5.38 -22.61 3.24
CA THR A 273 -6.47 -21.88 2.59
C THR A 273 -7.77 -22.44 3.13
N VAL A 274 -8.75 -21.57 3.39
CA VAL A 274 -10.03 -22.05 3.87
C VAL A 274 -11.04 -21.79 2.75
N TYR A 275 -12.17 -22.46 2.81
CA TYR A 275 -13.18 -22.34 1.76
C TYR A 275 -14.61 -22.06 2.24
N ARG A 276 -15.41 -21.47 1.36
CA ARG A 276 -16.83 -21.17 1.65
C ARG A 276 -17.67 -21.55 0.44
N HIS A 277 -18.51 -22.58 0.60
CA HIS A 277 -19.36 -23.07 -0.49
C HIS A 277 -18.49 -23.65 -1.60
N TYR A 278 -17.36 -24.20 -1.17
CA TYR A 278 -16.37 -24.83 -2.02
C TYR A 278 -15.67 -25.80 -1.11
N THR A 279 -14.97 -26.76 -1.70
CA THR A 279 -14.26 -27.76 -0.93
C THR A 279 -12.98 -28.02 -1.72
N ARG A 280 -12.02 -28.72 -1.12
CA ARG A 280 -10.79 -29.05 -1.82
C ARG A 280 -11.17 -29.96 -2.99
N ASN A 281 -12.34 -30.57 -2.91
CA ASN A 281 -12.81 -31.47 -3.96
C ASN A 281 -13.70 -30.82 -5.03
N SER A 282 -13.93 -29.51 -4.90
CA SER A 282 -14.69 -28.75 -5.88
C SER A 282 -13.78 -28.66 -7.10
N LYS A 283 -14.33 -28.86 -8.30
CA LYS A 283 -13.47 -28.82 -9.49
C LYS A 283 -12.86 -27.44 -9.68
N GLN A 284 -13.57 -26.41 -9.24
CA GLN A 284 -13.11 -25.03 -9.32
C GLN A 284 -11.85 -24.82 -8.46
N ILE A 285 -11.79 -25.52 -7.33
CA ILE A 285 -10.65 -25.40 -6.43
C ILE A 285 -9.50 -26.23 -6.97
N ILE A 286 -9.81 -27.38 -7.58
CA ILE A 286 -8.78 -28.21 -8.17
C ILE A 286 -8.14 -27.43 -9.30
N TRP A 287 -8.95 -26.70 -10.06
CA TRP A 287 -8.44 -25.89 -11.18
C TRP A 287 -7.65 -24.68 -10.70
N PHE A 288 -8.13 -24.06 -9.62
CA PHE A 288 -7.47 -22.90 -9.03
C PHE A 288 -6.03 -23.28 -8.68
N TRP A 289 -5.86 -24.39 -7.99
CA TRP A 289 -4.53 -24.81 -7.59
C TRP A 289 -3.66 -25.22 -8.77
N GLN A 290 -4.25 -25.90 -9.75
CA GLN A 290 -3.49 -26.27 -10.95
C GLN A 290 -3.02 -24.97 -11.63
N PHE A 291 -3.87 -23.94 -11.59
CA PHE A 291 -3.54 -22.64 -12.19
C PHE A 291 -2.38 -21.95 -11.48
N VAL A 292 -2.40 -21.93 -10.15
CA VAL A 292 -1.33 -21.31 -9.40
C VAL A 292 -0.01 -22.07 -9.63
N LYS A 293 -0.11 -23.39 -9.73
CA LYS A 293 1.06 -24.24 -9.98
C LYS A 293 1.70 -23.94 -11.33
N GLU A 294 0.87 -23.67 -12.34
CA GLU A 294 1.36 -23.41 -13.69
C GLU A 294 1.93 -22.02 -14.01
N THR A 295 1.41 -20.97 -13.38
CA THR A 295 1.88 -19.61 -13.69
C THR A 295 3.19 -19.14 -13.07
N ASP A 296 3.60 -17.94 -13.48
CA ASP A 296 4.83 -17.31 -13.02
C ASP A 296 4.71 -16.83 -11.59
N ASN A 297 5.84 -16.68 -10.91
CA ASN A 297 5.80 -16.24 -9.53
C ASN A 297 5.27 -14.81 -9.46
N GLU A 298 5.42 -14.07 -10.55
CA GLU A 298 4.96 -12.69 -10.62
C GLU A 298 3.43 -12.66 -10.65
N VAL A 299 2.83 -13.66 -11.30
CA VAL A 299 1.38 -13.73 -11.36
C VAL A 299 0.91 -14.11 -9.95
N ARG A 300 1.61 -15.06 -9.34
CA ARG A 300 1.26 -15.49 -7.99
C ARG A 300 1.28 -14.31 -7.02
N MET A 301 2.30 -13.46 -7.15
CA MET A 301 2.41 -12.30 -6.28
C MET A 301 1.31 -11.29 -6.55
N ARG A 302 0.96 -11.10 -7.82
CA ARG A 302 -0.10 -10.16 -8.12
C ARG A 302 -1.43 -10.68 -7.57
N LEU A 303 -1.61 -12.00 -7.60
CA LEU A 303 -2.82 -12.62 -7.09
C LEU A 303 -2.91 -12.42 -5.57
N LEU A 304 -1.77 -12.49 -4.89
CA LEU A 304 -1.73 -12.28 -3.43
C LEU A 304 -2.14 -10.86 -3.08
N GLN A 305 -1.64 -9.87 -3.83
CA GLN A 305 -2.03 -8.50 -3.51
C GLN A 305 -3.48 -8.26 -3.89
N PHE A 306 -3.95 -8.91 -4.95
CA PHE A 306 -5.34 -8.75 -5.37
C PHE A 306 -6.24 -9.18 -4.19
N VAL A 307 -5.93 -10.35 -3.63
CA VAL A 307 -6.72 -10.89 -2.53
C VAL A 307 -6.44 -10.38 -1.11
N THR A 308 -5.17 -10.24 -0.74
CA THR A 308 -4.78 -9.80 0.60
C THR A 308 -4.42 -8.32 0.71
N GLY A 309 -4.15 -7.67 -0.42
CA GLY A 309 -3.80 -6.26 -0.39
C GLY A 309 -2.31 -6.00 -0.27
N THR A 310 -1.51 -7.04 -0.36
CA THR A 310 -0.06 -6.90 -0.28
C THR A 310 0.61 -8.17 -0.80
N CYS A 311 1.88 -8.05 -1.18
CA CYS A 311 2.63 -9.19 -1.69
C CYS A 311 3.45 -9.82 -0.57
N ARG A 312 3.52 -9.12 0.56
CA ARG A 312 4.30 -9.62 1.67
C ARG A 312 3.55 -10.57 2.58
N LEU A 313 4.22 -11.65 2.97
CA LEU A 313 3.63 -12.63 3.85
C LEU A 313 4.27 -12.46 5.23
N PRO A 314 3.46 -12.57 6.29
CA PRO A 314 4.04 -12.42 7.62
C PRO A 314 5.03 -13.53 7.94
N LEU A 315 5.83 -13.33 8.98
CA LEU A 315 6.79 -14.35 9.40
C LEU A 315 5.92 -15.54 9.81
N GLY A 316 6.28 -16.73 9.35
CA GLY A 316 5.49 -17.90 9.70
C GLY A 316 4.67 -18.45 8.56
N GLY A 317 4.62 -17.75 7.43
CA GLY A 317 3.87 -18.23 6.29
C GLY A 317 2.37 -17.96 6.35
N PHE A 318 1.61 -18.61 5.45
CA PHE A 318 0.16 -18.44 5.36
C PHE A 318 -0.67 -18.77 6.59
N ALA A 319 -0.21 -19.71 7.41
CA ALA A 319 -0.95 -20.07 8.61
C ALA A 319 -1.14 -18.88 9.56
N GLU A 320 -0.34 -17.83 9.36
CA GLU A 320 -0.36 -16.65 10.23
C GLU A 320 -1.10 -15.43 9.67
N LEU A 321 -1.74 -15.55 8.51
CA LEU A 321 -2.45 -14.40 7.92
C LEU A 321 -3.44 -13.82 8.92
N MET A 322 -3.45 -12.49 9.02
CA MET A 322 -4.32 -11.78 9.95
C MET A 322 -5.31 -10.85 9.28
N GLY A 323 -6.48 -10.72 9.90
CA GLY A 323 -7.50 -9.83 9.39
C GLY A 323 -7.71 -8.79 10.48
N SER A 324 -8.79 -8.03 10.39
CA SER A 324 -9.06 -7.02 11.42
C SER A 324 -9.94 -7.65 12.50
N ASN A 325 -9.81 -8.97 12.66
CA ASN A 325 -10.58 -9.72 13.64
C ASN A 325 -9.66 -10.74 14.28
N GLY A 326 -8.40 -10.71 13.88
CA GLY A 326 -7.43 -11.66 14.36
C GLY A 326 -7.09 -12.57 13.21
N PRO A 327 -7.22 -13.90 13.38
CA PRO A 327 -6.92 -14.87 12.31
C PRO A 327 -7.83 -14.72 11.10
N GLN A 328 -7.23 -14.62 9.92
CA GLN A 328 -8.00 -14.48 8.68
C GLN A 328 -7.25 -15.15 7.54
N LYS A 329 -7.31 -16.48 7.49
CA LYS A 329 -6.62 -17.21 6.45
C LYS A 329 -7.13 -16.91 5.04
N PHE A 330 -6.31 -17.22 4.05
CA PHE A 330 -6.67 -17.01 2.65
C PHE A 330 -7.96 -17.80 2.43
N CYS A 331 -9.00 -17.14 1.94
CA CYS A 331 -10.28 -17.80 1.74
C CYS A 331 -10.81 -17.70 0.32
N ILE A 332 -11.34 -18.80 -0.21
CA ILE A 332 -11.93 -18.79 -1.55
C ILE A 332 -13.41 -19.12 -1.37
N GLU A 333 -14.28 -18.19 -1.79
CA GLU A 333 -15.73 -18.37 -1.68
C GLU A 333 -16.41 -18.36 -3.06
N LYS A 334 -17.34 -19.29 -3.26
CA LYS A 334 -18.07 -19.38 -4.52
C LYS A 334 -19.20 -18.36 -4.55
N VAL A 335 -19.27 -17.57 -5.61
CA VAL A 335 -20.32 -16.57 -5.75
C VAL A 335 -20.78 -16.44 -7.21
N GLY A 336 -21.94 -15.81 -7.40
CA GLY A 336 -22.48 -15.58 -8.73
C GLY A 336 -22.54 -16.76 -9.68
N LYS A 337 -22.28 -16.48 -10.95
CA LYS A 337 -22.32 -17.50 -12.00
C LYS A 337 -21.06 -17.41 -12.86
N ASP A 338 -20.87 -18.38 -13.76
CA ASP A 338 -19.67 -18.41 -14.60
C ASP A 338 -19.48 -17.21 -15.54
N THR A 339 -20.43 -16.29 -15.55
CA THR A 339 -20.32 -15.12 -16.41
C THR A 339 -19.71 -13.94 -15.65
N TRP A 340 -19.66 -14.06 -14.33
CA TRP A 340 -19.11 -13.03 -13.46
C TRP A 340 -17.58 -13.04 -13.46
N LEU A 341 -16.98 -11.94 -13.06
CA LEU A 341 -15.53 -11.87 -12.95
C LEU A 341 -15.18 -12.05 -11.48
N PRO A 342 -13.99 -12.57 -11.19
CA PRO A 342 -13.63 -12.77 -9.79
C PRO A 342 -13.47 -11.43 -9.08
N ARG A 343 -13.72 -11.42 -7.78
CA ARG A 343 -13.62 -10.21 -6.97
C ARG A 343 -12.95 -10.55 -5.65
N SER A 344 -12.56 -9.54 -4.89
CA SER A 344 -11.90 -9.79 -3.62
C SER A 344 -12.22 -8.76 -2.54
N HIS A 345 -11.96 -9.16 -1.30
CA HIS A 345 -12.17 -8.34 -0.13
C HIS A 345 -10.89 -8.50 0.67
N THR A 346 -9.91 -7.66 0.36
CA THR A 346 -8.60 -7.70 0.99
C THR A 346 -8.63 -7.67 2.51
N CYS A 347 -9.67 -7.04 3.08
CA CYS A 347 -9.77 -6.97 4.51
C CYS A 347 -9.99 -8.36 5.09
N PHE A 348 -10.55 -9.24 4.28
CA PHE A 348 -10.83 -10.59 4.72
C PHE A 348 -9.98 -11.64 4.01
N ASN A 349 -9.00 -11.20 3.22
CA ASN A 349 -8.12 -12.13 2.51
C ASN A 349 -9.02 -13.12 1.76
N ARG A 350 -10.11 -12.60 1.20
CA ARG A 350 -11.07 -13.43 0.51
C ARG A 350 -11.19 -13.17 -0.99
N LEU A 351 -11.25 -14.27 -1.75
CA LEU A 351 -11.40 -14.22 -3.19
C LEU A 351 -12.78 -14.78 -3.55
N ASP A 352 -13.58 -13.99 -4.24
CA ASP A 352 -14.90 -14.45 -4.66
C ASP A 352 -14.65 -15.08 -6.03
N LEU A 353 -14.77 -16.40 -6.10
CA LEU A 353 -14.51 -17.12 -7.34
C LEU A 353 -15.77 -17.77 -7.90
N PRO A 354 -16.33 -17.19 -8.99
CA PRO A 354 -17.53 -17.74 -9.63
C PRO A 354 -17.32 -19.17 -10.08
N PRO A 355 -18.38 -19.99 -10.06
CA PRO A 355 -18.28 -21.39 -10.46
C PRO A 355 -18.12 -21.54 -11.97
N TYR A 356 -16.90 -21.35 -12.47
CA TYR A 356 -16.66 -21.46 -13.91
C TYR A 356 -16.86 -22.88 -14.39
N LYS A 357 -17.11 -23.02 -15.69
CA LYS A 357 -17.37 -24.32 -16.32
C LYS A 357 -16.15 -25.10 -16.77
N SER A 358 -15.03 -24.41 -16.98
CA SER A 358 -13.83 -25.10 -17.42
C SER A 358 -12.58 -24.43 -16.88
N TYR A 359 -11.48 -25.18 -16.90
CA TYR A 359 -10.19 -24.69 -16.44
C TYR A 359 -9.84 -23.45 -17.25
N GLU A 360 -9.88 -23.58 -18.57
CA GLU A 360 -9.54 -22.49 -19.45
C GLU A 360 -10.30 -21.20 -19.11
N GLN A 361 -11.59 -21.33 -18.80
CA GLN A 361 -12.38 -20.16 -18.46
C GLN A 361 -11.94 -19.59 -17.11
N LEU A 362 -11.64 -20.47 -16.15
CA LEU A 362 -11.19 -20.03 -14.84
C LEU A 362 -9.87 -19.27 -15.02
N LYS A 363 -8.94 -19.91 -15.72
CA LYS A 363 -7.64 -19.32 -15.98
C LYS A 363 -7.80 -17.93 -16.59
N GLU A 364 -8.54 -17.86 -17.69
CA GLU A 364 -8.77 -16.61 -18.40
C GLU A 364 -9.38 -15.53 -17.51
N LYS A 365 -10.38 -15.90 -16.71
CA LYS A 365 -11.06 -14.97 -15.82
C LYS A 365 -10.18 -14.47 -14.66
N LEU A 366 -9.43 -15.39 -14.07
CA LEU A 366 -8.54 -15.02 -12.96
C LEU A 366 -7.46 -14.07 -13.46
N LEU A 367 -6.78 -14.46 -14.54
CA LEU A 367 -5.74 -13.63 -15.11
C LEU A 367 -6.21 -12.23 -15.38
N PHE A 368 -7.38 -12.10 -15.99
CA PHE A 368 -7.93 -10.80 -16.31
C PHE A 368 -8.09 -9.97 -15.05
N ALA A 369 -8.67 -10.58 -14.02
CA ALA A 369 -8.88 -9.89 -12.75
C ALA A 369 -7.56 -9.54 -12.06
N ILE A 370 -6.60 -10.45 -12.14
CA ILE A 370 -5.28 -10.27 -11.52
C ILE A 370 -4.46 -9.14 -12.13
N GLU A 371 -4.49 -9.05 -13.46
CA GLU A 371 -3.73 -8.02 -14.17
C GLU A 371 -4.57 -6.82 -14.53
N GLU A 372 -5.60 -7.02 -15.30
CA GLU A 372 -6.45 -5.91 -15.61
C GLU A 372 -7.34 -5.24 -14.48
N THR A 373 -6.98 -5.33 -13.13
CA THR A 373 -7.65 -4.72 -11.83
C THR A 373 -7.75 -3.05 -11.25
N GLU A 374 -6.55 -2.46 -11.69
CA GLU A 374 -6.54 -1.37 -12.82
C GLU A 374 -4.90 -1.15 -12.86
#